data_2BTC
#
_entry.id   2BTC
#
_cell.length_a   59.100
_cell.length_b   55.700
_cell.length_c   74.900
_cell.angle_alpha   90.00
_cell.angle_beta   90.00
_cell.angle_gamma   90.00
#
_symmetry.space_group_name_H-M   'P 21 21 21'
#
loop_
_entity.id
_entity.type
_entity.pdbx_description
1 polymer 'PROTEIN (TRYPSIN)'
2 polymer 'PROTEIN (TRYPSIN INHIBITOR)'
3 non-polymer 'CALCIUM ION'
4 water water
#
loop_
_entity_poly.entity_id
_entity_poly.type
_entity_poly.pdbx_seq_one_letter_code
_entity_poly.pdbx_strand_id
1 'polypeptide(L)'
;IVGGYTCGANTVPYQVSLNSGYHFCGGSLINSQWVVSAAHCYKSGIQVRLGEDNINVVEGNEQFISASKSIVHPSYNSNT
LNNDIMLIKLKSAASLNSRVASISLPTSCASAGTQCLISGWGNTKSSGTSYPDVLKCLKAPILSDSSCKSAYPGQITSNM
FCAGYLEGGKDSCQGDSGGPVVCSGKLQGIVSWGSGCAQKNKPGVYTKVCNYVSWIKQTIASN
;
E
2 'polypeptide(L)' RVCPKILMECKKDSDCLAECICLEHGYCG I
#
loop_
_chem_comp.id
_chem_comp.type
_chem_comp.name
_chem_comp.formula
CA non-polymer 'CALCIUM ION' 'Ca 2'
#
# COMPACT_ATOMS: atom_id res chain seq x y z
N ILE A 1 3.34 -9.13 3.16
CA ILE A 1 4.66 -9.04 2.55
C ILE A 1 5.12 -10.50 2.53
N VAL A 2 5.54 -11.00 1.39
CA VAL A 2 6.04 -12.36 1.26
C VAL A 2 7.56 -12.24 1.18
N GLY A 3 8.27 -13.09 1.91
CA GLY A 3 9.73 -13.12 1.88
C GLY A 3 10.40 -11.97 2.61
N GLY A 4 9.71 -11.35 3.58
CA GLY A 4 10.24 -10.22 4.30
C GLY A 4 10.81 -10.57 5.65
N TYR A 5 11.17 -9.54 6.40
CA TYR A 5 11.65 -9.67 7.74
C TYR A 5 10.74 -8.79 8.62
N THR A 6 10.96 -8.80 9.93
CA THR A 6 10.16 -8.01 10.85
C THR A 6 10.81 -6.64 11.05
N CYS A 7 10.04 -5.60 10.71
CA CYS A 7 10.57 -4.24 10.76
C CYS A 7 11.07 -3.82 12.12
N GLY A 8 10.41 -4.21 13.20
CA GLY A 8 10.73 -3.71 14.52
C GLY A 8 9.66 -2.70 14.90
N ALA A 9 9.22 -2.71 16.16
CA ALA A 9 8.12 -1.87 16.59
C ALA A 9 8.45 -0.41 16.40
N ASN A 10 7.56 0.26 15.66
CA ASN A 10 7.65 1.68 15.35
C ASN A 10 8.90 2.14 14.62
N THR A 11 9.61 1.27 13.89
CA THR A 11 10.75 1.67 13.09
C THR A 11 10.31 2.25 11.75
N VAL A 12 9.01 2.12 11.41
CA VAL A 12 8.48 2.66 10.16
C VAL A 12 7.37 3.59 10.62
N PRO A 13 7.68 4.80 11.15
CA PRO A 13 6.71 5.58 11.89
C PRO A 13 5.59 6.23 11.10
N TYR A 14 5.76 6.23 9.77
CA TYR A 14 4.79 6.81 8.87
C TYR A 14 3.76 5.76 8.42
N GLN A 15 3.96 4.48 8.77
CA GLN A 15 3.03 3.42 8.36
C GLN A 15 1.76 3.52 9.16
N VAL A 16 0.62 3.45 8.47
CA VAL A 16 -0.65 3.38 9.18
C VAL A 16 -1.43 2.15 8.70
N SER A 17 -2.37 1.74 9.55
CA SER A 17 -3.34 0.70 9.22
C SER A 17 -4.71 1.34 9.02
N LEU A 18 -5.41 1.03 7.93
CA LEU A 18 -6.79 1.45 7.72
C LEU A 18 -7.64 0.28 8.18
N ASN A 19 -8.59 0.61 9.03
CA ASN A 19 -9.39 -0.36 9.74
C ASN A 19 -10.89 -0.12 9.59
N SER A 20 -11.66 -1.13 9.18
CA SER A 20 -13.13 -1.05 9.13
C SER A 20 -13.65 -2.25 9.95
N GLY A 21 -13.15 -2.40 11.18
CA GLY A 21 -13.49 -3.56 11.99
C GLY A 21 -12.38 -4.58 11.96
N TYR A 22 -11.51 -4.47 10.95
CA TYR A 22 -10.34 -5.31 10.79
C TYR A 22 -9.40 -4.49 9.88
N HIS A 23 -8.11 -4.86 9.87
CA HIS A 23 -7.15 -4.19 9.02
C HIS A 23 -7.45 -4.59 7.56
N PHE A 24 -7.54 -3.66 6.60
CA PHE A 24 -7.68 -4.12 5.21
C PHE A 24 -6.73 -3.46 4.22
N CYS A 25 -6.09 -2.32 4.58
CA CYS A 25 -5.14 -1.65 3.71
C CYS A 25 -4.18 -0.88 4.60
N GLY A 26 -3.02 -0.53 4.06
CA GLY A 26 -2.08 0.35 4.74
C GLY A 26 -2.21 1.77 4.16
N GLY A 27 -1.36 2.68 4.60
CA GLY A 27 -1.32 4.05 4.13
C GLY A 27 -0.08 4.68 4.69
N SER A 28 0.25 5.91 4.30
CA SER A 28 1.40 6.58 4.88
C SER A 28 1.01 7.97 5.30
N LEU A 29 1.49 8.32 6.50
CA LEU A 29 1.22 9.63 7.06
C LEU A 29 2.12 10.64 6.34
N ILE A 30 1.55 11.66 5.69
CA ILE A 30 2.42 12.66 5.05
C ILE A 30 2.43 13.99 5.82
N ASN A 31 1.53 14.19 6.77
CA ASN A 31 1.70 15.25 7.77
C ASN A 31 0.74 14.97 8.90
N SER A 32 0.56 15.82 9.91
CA SER A 32 -0.30 15.48 11.04
C SER A 32 -1.76 15.19 10.76
N GLN A 33 -2.27 15.68 9.63
CA GLN A 33 -3.67 15.51 9.31
C GLN A 33 -4.00 14.68 8.09
N TRP A 34 -3.01 14.24 7.30
CA TRP A 34 -3.30 13.61 6.01
C TRP A 34 -2.52 12.33 5.81
N VAL A 35 -3.21 11.34 5.26
CA VAL A 35 -2.68 10.01 4.95
C VAL A 35 -2.83 9.78 3.45
N VAL A 36 -1.86 9.17 2.78
CA VAL A 36 -2.09 8.82 1.40
C VAL A 36 -2.18 7.31 1.35
N SER A 37 -3.08 6.85 0.49
CA SER A 37 -3.27 5.42 0.31
C SER A 37 -3.75 5.17 -1.12
N ALA A 38 -4.17 3.94 -1.42
CA ALA A 38 -4.63 3.59 -2.75
C ALA A 38 -6.13 3.87 -2.84
N ALA A 39 -6.56 4.36 -4.02
CA ALA A 39 -7.97 4.63 -4.26
C ALA A 39 -8.83 3.38 -4.20
N HIS A 40 -8.32 2.19 -4.53
CA HIS A 40 -9.16 1.00 -4.35
C HIS A 40 -9.40 0.62 -2.88
N CYS A 41 -8.74 1.33 -1.95
CA CYS A 41 -8.94 1.11 -0.52
C CYS A 41 -10.08 1.97 0.03
N TYR A 42 -10.75 2.76 -0.85
CA TYR A 42 -11.82 3.62 -0.37
C TYR A 42 -12.94 2.79 0.28
N LYS A 43 -13.38 3.24 1.45
CA LYS A 43 -14.52 2.68 2.16
C LYS A 43 -15.06 3.83 3.00
N SER A 44 -16.36 3.82 3.28
CA SER A 44 -16.95 4.79 4.17
C SER A 44 -16.59 4.32 5.58
N GLY A 45 -16.34 5.21 6.52
CA GLY A 45 -16.13 4.77 7.89
C GLY A 45 -14.79 4.10 8.15
N ILE A 46 -13.73 4.70 7.62
CA ILE A 46 -12.37 4.19 7.83
C ILE A 46 -11.89 4.75 9.16
N GLN A 47 -11.23 3.91 9.97
CA GLN A 47 -10.53 4.37 11.17
C GLN A 47 -9.04 4.22 10.86
N VAL A 48 -8.24 5.26 11.05
CA VAL A 48 -6.82 5.22 10.77
C VAL A 48 -6.09 4.93 12.08
N ARG A 49 -5.24 3.91 12.08
CA ARG A 49 -4.53 3.50 13.30
C ARG A 49 -3.07 3.75 13.06
N LEU A 50 -2.55 4.66 13.88
CA LEU A 50 -1.17 5.09 13.79
C LEU A 50 -0.40 4.54 14.97
N GLY A 51 0.93 4.42 14.87
CA GLY A 51 1.78 3.98 16.00
C GLY A 51 1.66 2.50 16.32
N GLU A 52 1.17 1.78 15.31
CA GLU A 52 0.96 0.37 15.42
C GLU A 52 2.17 -0.49 15.09
N ASP A 53 2.29 -1.57 15.86
CA ASP A 53 3.18 -2.65 15.47
C ASP A 53 2.36 -3.92 15.46
N ASN A 54 2.09 -4.50 16.64
CA ASN A 54 1.18 -5.63 16.74
C ASN A 54 -0.23 -5.10 16.61
N ILE A 55 -0.93 -5.40 15.53
CA ILE A 55 -2.26 -4.90 15.31
C ILE A 55 -3.31 -5.57 16.15
N ASN A 56 -2.99 -6.60 16.93
CA ASN A 56 -3.99 -7.27 17.77
C ASN A 56 -3.85 -6.97 19.23
N VAL A 57 -2.69 -6.46 19.66
CA VAL A 57 -2.41 -6.16 21.06
C VAL A 57 -2.30 -4.67 21.29
N VAL A 58 -2.84 -4.07 22.35
CA VAL A 58 -2.61 -2.66 22.66
C VAL A 58 -1.25 -2.63 23.38
N GLU A 59 -0.33 -1.88 22.79
CA GLU A 59 1.03 -1.83 23.28
C GLU A 59 1.34 -0.45 23.82
N GLY A 60 0.40 0.50 23.70
CA GLY A 60 0.62 1.80 24.28
C GLY A 60 0.96 2.92 23.30
N ASN A 61 1.45 2.71 22.08
CA ASN A 61 1.81 3.87 21.27
C ASN A 61 0.84 4.21 20.16
N GLU A 62 -0.35 3.61 20.20
CA GLU A 62 -1.29 3.75 19.11
C GLU A 62 -2.12 4.99 19.21
N GLN A 63 -2.53 5.55 18.08
CA GLN A 63 -3.47 6.65 18.05
C GLN A 63 -4.49 6.19 17.04
N PHE A 64 -5.76 6.14 17.41
CA PHE A 64 -6.82 5.71 16.50
C PHE A 64 -7.64 6.96 16.18
N ILE A 65 -7.76 7.36 14.92
CA ILE A 65 -8.44 8.59 14.54
C ILE A 65 -9.33 8.27 13.36
N SER A 66 -10.60 8.65 13.35
CA SER A 66 -11.44 8.41 12.19
C SER A 66 -11.08 9.32 11.03
N ALA A 67 -11.38 8.86 9.83
CA ALA A 67 -11.17 9.62 8.63
C ALA A 67 -12.30 10.63 8.52
N SER A 68 -12.06 11.92 8.28
CA SER A 68 -13.18 12.80 8.02
C SER A 68 -13.48 12.98 6.54
N LYS A 69 -12.53 12.84 5.62
CA LYS A 69 -12.81 13.09 4.21
C LYS A 69 -11.88 12.19 3.44
N SER A 70 -12.28 11.50 2.38
CA SER A 70 -11.35 10.73 1.55
C SER A 70 -11.50 11.36 0.17
N ILE A 71 -10.41 11.70 -0.51
CA ILE A 71 -10.45 12.33 -1.82
C ILE A 71 -9.74 11.37 -2.75
N VAL A 72 -10.53 10.68 -3.58
CA VAL A 72 -10.03 9.75 -4.60
C VAL A 72 -9.52 10.58 -5.76
N HIS A 73 -8.43 10.20 -6.42
CA HIS A 73 -7.95 10.98 -7.57
C HIS A 73 -9.03 11.07 -8.66
N PRO A 74 -9.26 12.28 -9.22
CA PRO A 74 -10.26 12.51 -10.26
C PRO A 74 -10.27 11.55 -11.42
N SER A 75 -9.07 11.15 -11.85
CA SER A 75 -9.00 10.23 -12.95
C SER A 75 -8.86 8.78 -12.54
N TYR A 76 -9.16 8.39 -11.31
CA TYR A 76 -9.00 6.98 -10.96
C TYR A 76 -9.94 6.12 -11.83
N ASN A 77 -9.36 5.03 -12.32
CA ASN A 77 -10.06 4.08 -13.12
C ASN A 77 -10.03 2.78 -12.36
N SER A 78 -11.21 2.37 -11.90
CA SER A 78 -11.30 1.18 -11.08
C SER A 78 -11.10 -0.09 -11.88
N ASN A 79 -11.22 -0.02 -13.21
CA ASN A 79 -11.00 -1.18 -14.06
C ASN A 79 -9.54 -1.37 -14.34
N THR A 80 -8.76 -0.31 -14.59
CA THR A 80 -7.35 -0.51 -14.89
C THR A 80 -6.42 -0.20 -13.73
N LEU A 81 -6.97 0.38 -12.66
CA LEU A 81 -6.25 0.85 -11.48
C LEU A 81 -5.27 1.97 -11.80
N ASN A 82 -5.53 2.67 -12.90
CA ASN A 82 -4.68 3.80 -13.29
C ASN A 82 -5.07 4.94 -12.37
N ASN A 83 -4.07 5.66 -11.87
CA ASN A 83 -4.25 6.75 -10.92
C ASN A 83 -4.85 6.25 -9.59
N ASP A 84 -4.31 5.12 -9.13
CA ASP A 84 -4.75 4.49 -7.89
C ASP A 84 -4.11 5.19 -6.69
N ILE A 85 -4.68 6.32 -6.33
CA ILE A 85 -4.18 7.11 -5.20
C ILE A 85 -5.36 7.87 -4.59
N MET A 86 -5.37 7.97 -3.26
CA MET A 86 -6.40 8.65 -2.50
C MET A 86 -5.77 9.33 -1.29
N LEU A 87 -6.28 10.49 -0.88
CA LEU A 87 -5.84 11.20 0.30
C LEU A 87 -6.96 11.13 1.34
N ILE A 88 -6.58 10.89 2.58
CA ILE A 88 -7.54 10.76 3.66
C ILE A 88 -7.20 11.86 4.64
N LYS A 89 -8.19 12.65 5.05
CA LYS A 89 -7.97 13.70 6.04
C LYS A 89 -8.44 13.11 7.35
N LEU A 90 -7.66 13.30 8.41
CA LEU A 90 -7.99 12.77 9.72
C LEU A 90 -8.91 13.76 10.41
N LYS A 91 -9.81 13.23 11.23
CA LYS A 91 -10.77 14.06 11.96
C LYS A 91 -10.08 15.05 12.89
N SER A 92 -9.01 14.63 13.56
CA SER A 92 -8.21 15.50 14.41
C SER A 92 -6.77 15.18 14.03
N ALA A 93 -5.88 16.11 14.34
CA ALA A 93 -4.49 15.98 13.97
C ALA A 93 -3.83 14.90 14.81
N ALA A 94 -2.99 14.08 14.21
CA ALA A 94 -2.22 13.12 14.96
C ALA A 94 -1.15 13.83 15.83
N SER A 95 -0.77 13.25 16.96
CA SER A 95 0.32 13.79 17.76
C SER A 95 1.59 13.15 17.18
N LEU A 96 2.42 13.93 16.50
CA LEU A 96 3.70 13.45 16.01
C LEU A 96 4.69 13.31 17.16
N ASN A 97 5.52 12.28 17.17
CA ASN A 97 6.42 11.99 18.28
C ASN A 97 7.43 11.03 17.69
N SER A 98 8.18 10.26 18.46
CA SER A 98 9.21 9.40 17.86
C SER A 98 8.72 8.13 17.19
N ARG A 99 7.51 7.73 17.58
CA ARG A 99 6.85 6.54 17.06
C ARG A 99 5.88 6.88 15.92
N VAL A 100 5.37 8.10 15.77
CA VAL A 100 4.40 8.48 14.74
C VAL A 100 4.97 9.70 14.01
N ALA A 101 5.35 9.62 12.75
CA ALA A 101 6.06 10.70 12.07
C ALA A 101 5.67 10.67 10.62
N SER A 102 5.76 11.77 9.87
CA SER A 102 5.36 11.73 8.48
C SER A 102 6.51 11.38 7.54
N ILE A 103 6.24 11.04 6.29
CA ILE A 103 7.29 10.72 5.34
C ILE A 103 7.29 11.83 4.29
N SER A 104 8.45 12.19 3.78
CA SER A 104 8.53 13.25 2.79
C SER A 104 8.08 12.79 1.43
N LEU A 105 7.49 13.74 0.71
CA LEU A 105 7.10 13.53 -0.68
C LEU A 105 8.31 13.74 -1.57
N PRO A 106 8.47 13.04 -2.70
CA PRO A 106 9.61 13.21 -3.61
C PRO A 106 9.62 14.50 -4.43
N THR A 107 10.79 15.06 -4.68
CA THR A 107 10.98 16.12 -5.63
C THR A 107 11.29 15.57 -7.03
N SER A 108 11.66 14.29 -7.16
CA SER A 108 11.93 13.67 -8.46
C SER A 108 11.54 12.21 -8.41
N CYS A 109 11.33 11.59 -9.57
CA CYS A 109 11.03 10.15 -9.67
C CYS A 109 12.26 9.33 -9.42
N ALA A 110 12.14 8.10 -8.90
CA ALA A 110 13.32 7.30 -8.63
C ALA A 110 13.68 6.48 -9.84
N SER A 111 14.97 6.18 -10.05
CA SER A 111 15.34 5.42 -11.23
C SER A 111 15.33 3.94 -10.97
N ALA A 112 15.21 3.20 -12.07
CA ALA A 112 15.28 1.75 -12.04
C ALA A 112 16.57 1.32 -11.34
N GLY A 113 16.47 0.31 -10.48
CA GLY A 113 17.63 -0.20 -9.76
C GLY A 113 17.70 0.38 -8.36
N THR A 114 17.00 1.47 -8.03
CA THR A 114 17.04 2.03 -6.70
C THR A 114 16.36 1.08 -5.72
N GLN A 115 17.01 0.83 -4.60
CA GLN A 115 16.45 -0.08 -3.62
C GLN A 115 15.50 0.71 -2.73
N CYS A 116 14.33 0.14 -2.48
CA CYS A 116 13.28 0.76 -1.70
C CYS A 116 12.80 -0.15 -0.57
N LEU A 117 12.11 0.40 0.40
CA LEU A 117 11.57 -0.34 1.54
C LEU A 117 10.07 -0.37 1.39
N ILE A 118 9.48 -1.56 1.44
CA ILE A 118 8.04 -1.75 1.30
C ILE A 118 7.60 -2.41 2.62
N SER A 119 6.49 -1.97 3.21
CA SER A 119 6.08 -2.54 4.49
C SER A 119 4.58 -2.73 4.57
N GLY A 120 4.14 -3.62 5.44
CA GLY A 120 2.72 -3.84 5.61
C GLY A 120 2.39 -5.06 6.46
N TRP A 121 1.10 -5.23 6.77
CA TRP A 121 0.60 -6.35 7.56
C TRP A 121 -0.13 -7.35 6.64
N GLY A 122 0.24 -7.40 5.38
CA GLY A 122 -0.45 -8.28 4.45
C GLY A 122 0.05 -9.73 4.51
N ASN A 123 -0.53 -10.56 3.64
CA ASN A 123 -0.24 -11.97 3.57
C ASN A 123 1.25 -12.23 3.38
N THR A 124 1.75 -13.20 4.12
CA THR A 124 3.15 -13.56 4.03
C THR A 124 3.39 -14.84 3.22
N LYS A 125 2.36 -15.44 2.63
CA LYS A 125 2.50 -16.63 1.79
C LYS A 125 2.06 -16.35 0.36
N SER A 126 2.79 -16.90 -0.60
CA SER A 126 2.45 -16.75 -2.00
C SER A 126 1.34 -17.70 -2.41
N SER A 127 1.23 -18.81 -1.68
CA SER A 127 0.20 -19.81 -1.84
C SER A 127 -0.27 -20.03 -0.41
N GLY A 128 -1.55 -19.88 -0.13
CA GLY A 128 -2.06 -20.06 1.22
C GLY A 128 -2.16 -18.70 1.87
N THR A 129 -2.53 -18.67 3.14
CA THR A 129 -2.71 -17.43 3.87
C THR A 129 -2.02 -17.52 5.22
N SER A 130 -1.26 -16.50 5.57
CA SER A 130 -0.70 -16.38 6.89
C SER A 130 -0.62 -14.87 7.02
N TYR A 131 -1.49 -14.31 7.81
CA TYR A 131 -1.53 -12.87 8.05
C TYR A 131 -0.85 -12.58 9.36
N PRO A 132 0.17 -11.71 9.38
CA PRO A 132 1.00 -11.45 10.54
C PRO A 132 0.36 -10.51 11.56
N ASP A 133 0.82 -10.63 12.79
CA ASP A 133 0.43 -9.73 13.87
C ASP A 133 1.28 -8.47 13.83
N VAL A 134 2.57 -8.57 13.47
CA VAL A 134 3.45 -7.41 13.53
C VAL A 134 3.87 -6.98 12.12
N LEU A 135 4.37 -5.74 12.00
CA LEU A 135 4.68 -5.16 10.70
C LEU A 135 5.88 -5.82 10.04
N LYS A 136 5.74 -6.11 8.75
CA LYS A 136 6.81 -6.76 8.00
C LYS A 136 7.36 -5.77 6.99
N CYS A 137 8.61 -6.04 6.62
CA CYS A 137 9.37 -5.17 5.74
C CYS A 137 10.04 -5.93 4.65
N LEU A 138 10.29 -5.27 3.52
CA LEU A 138 10.95 -5.90 2.39
C LEU A 138 11.79 -4.85 1.68
N LYS A 139 13.05 -5.14 1.35
CA LYS A 139 13.83 -4.25 0.51
C LYS A 139 13.72 -4.83 -0.89
N ALA A 140 13.39 -3.98 -1.86
CA ALA A 140 13.17 -4.44 -3.21
C ALA A 140 13.57 -3.34 -4.18
N PRO A 141 14.14 -3.65 -5.35
CA PRO A 141 14.50 -2.66 -6.35
C PRO A 141 13.37 -2.26 -7.27
N ILE A 142 13.41 -1.02 -7.73
CA ILE A 142 12.53 -0.59 -8.82
C ILE A 142 13.02 -1.28 -10.10
N LEU A 143 12.12 -1.83 -10.91
CA LEU A 143 12.51 -2.52 -12.11
C LEU A 143 12.36 -1.59 -13.28
N SER A 144 13.02 -1.89 -14.40
CA SER A 144 12.89 -1.01 -15.55
C SER A 144 11.50 -1.09 -16.14
N ASP A 145 11.12 0.00 -16.81
CA ASP A 145 9.83 0.07 -17.48
C ASP A 145 9.68 -1.05 -18.49
N SER A 146 10.76 -1.46 -19.16
CA SER A 146 10.68 -2.53 -20.15
C SER A 146 10.29 -3.85 -19.50
N SER A 147 10.94 -4.20 -18.38
CA SER A 147 10.62 -5.39 -17.62
C SER A 147 9.19 -5.35 -17.13
N CYS A 148 8.77 -4.18 -16.67
CA CYS A 148 7.43 -4.06 -16.11
C CYS A 148 6.39 -4.29 -17.20
N LYS A 149 6.60 -3.60 -18.33
CA LYS A 149 5.71 -3.71 -19.48
C LYS A 149 5.73 -5.09 -20.09
N SER A 150 6.88 -5.72 -20.06
CA SER A 150 7.05 -7.05 -20.56
C SER A 150 6.27 -8.01 -19.68
N ALA A 151 6.31 -7.86 -18.35
CA ALA A 151 5.62 -8.75 -17.44
C ALA A 151 4.12 -8.59 -17.50
N TYR A 152 3.62 -7.40 -17.77
CA TYR A 152 2.19 -7.19 -17.80
C TYR A 152 1.77 -6.48 -19.09
N PRO A 153 1.78 -7.19 -20.23
CA PRO A 153 1.49 -6.64 -21.56
C PRO A 153 0.21 -5.81 -21.63
N GLY A 154 0.34 -4.52 -21.96
CA GLY A 154 -0.81 -3.67 -22.09
C GLY A 154 -1.46 -3.22 -20.78
N GLN A 155 -0.95 -3.59 -19.60
CA GLN A 155 -1.61 -3.22 -18.36
C GLN A 155 -0.88 -2.13 -17.57
N ILE A 156 0.33 -1.73 -17.96
CA ILE A 156 1.11 -0.76 -17.20
C ILE A 156 0.95 0.61 -17.83
N THR A 157 0.55 1.62 -17.07
CA THR A 157 0.45 2.96 -17.61
C THR A 157 1.66 3.73 -17.11
N SER A 158 1.80 5.00 -17.50
CA SER A 158 2.90 5.84 -17.08
C SER A 158 2.80 6.19 -15.60
N ASN A 159 1.67 5.87 -14.98
CA ASN A 159 1.46 6.20 -13.58
C ASN A 159 1.75 4.99 -12.67
N MET A 160 2.46 3.99 -13.19
CA MET A 160 2.75 2.75 -12.47
C MET A 160 4.21 2.35 -12.61
N PHE A 161 4.79 1.65 -11.65
CA PHE A 161 6.09 1.04 -11.88
C PHE A 161 6.07 -0.30 -11.19
N CYS A 162 7.01 -1.15 -11.58
CA CYS A 162 7.15 -2.46 -10.97
C CYS A 162 8.32 -2.43 -10.02
N ALA A 163 8.22 -3.14 -8.90
CA ALA A 163 9.33 -3.26 -7.99
C ALA A 163 9.27 -4.68 -7.49
N GLY A 164 10.43 -5.29 -7.28
CA GLY A 164 10.43 -6.64 -6.81
C GLY A 164 11.49 -7.45 -7.52
N TYR A 165 11.12 -8.73 -7.68
CA TYR A 165 12.04 -9.75 -8.14
C TYR A 165 11.41 -10.57 -9.24
N LEU A 166 11.99 -10.58 -10.45
CA LEU A 166 11.44 -11.37 -11.54
C LEU A 166 11.50 -12.87 -11.22
N GLU A 167 12.41 -13.29 -10.35
CA GLU A 167 12.48 -14.67 -9.88
C GLU A 167 11.32 -15.04 -8.95
N GLY A 168 10.54 -14.07 -8.47
CA GLY A 168 9.48 -14.32 -7.52
C GLY A 168 10.03 -14.51 -6.11
N GLY A 169 9.16 -14.93 -5.20
CA GLY A 169 9.55 -15.24 -3.84
C GLY A 169 9.48 -14.08 -2.86
N LYS A 170 9.56 -12.82 -3.30
CA LYS A 170 9.49 -11.70 -2.38
C LYS A 170 8.61 -10.66 -3.05
N ASP A 171 7.61 -10.13 -2.32
CA ASP A 171 6.65 -9.23 -2.94
C ASP A 171 5.74 -8.66 -1.87
N SER A 172 4.96 -7.63 -2.20
CA SER A 172 3.84 -7.22 -1.36
C SER A 172 2.66 -8.14 -1.70
N CYS A 173 1.62 -8.18 -0.87
CA CYS A 173 0.55 -9.15 -1.10
C CYS A 173 -0.72 -8.63 -0.45
N GLN A 174 -1.87 -9.33 -0.57
CA GLN A 174 -3.14 -8.83 -0.02
C GLN A 174 -3.06 -8.41 1.43
N GLY A 175 -3.54 -7.19 1.63
CA GLY A 175 -3.49 -6.53 2.92
C GLY A 175 -2.39 -5.48 2.96
N ASP A 176 -1.51 -5.46 1.96
CA ASP A 176 -0.47 -4.46 1.87
C ASP A 176 -0.88 -3.27 1.04
N SER A 177 -1.99 -3.36 0.30
CA SER A 177 -2.44 -2.24 -0.51
C SER A 177 -2.47 -0.91 0.19
N GLY A 178 -2.08 0.14 -0.52
CA GLY A 178 -2.14 1.48 0.02
C GLY A 178 -0.90 1.85 0.82
N GLY A 179 -0.07 0.87 1.17
CA GLY A 179 1.10 1.11 1.99
C GLY A 179 2.27 1.67 1.18
N PRO A 180 3.33 2.01 1.88
CA PRO A 180 4.44 2.76 1.32
C PRO A 180 5.49 1.96 0.63
N VAL A 181 6.06 2.61 -0.40
CA VAL A 181 7.33 2.19 -1.00
C VAL A 181 8.21 3.41 -0.85
N VAL A 182 9.23 3.32 -0.01
CA VAL A 182 10.08 4.46 0.31
C VAL A 182 11.46 4.21 -0.26
N CYS A 183 12.02 5.20 -0.97
CA CYS A 183 13.33 5.09 -1.59
C CYS A 183 14.04 6.39 -1.22
N SER A 184 15.28 6.31 -0.74
CA SER A 184 16.05 7.50 -0.35
C SER A 184 15.30 8.39 0.67
N GLY A 185 14.38 7.85 1.46
CA GLY A 185 13.68 8.63 2.47
C GLY A 185 12.49 9.40 1.91
N LYS A 186 12.08 9.12 0.67
CA LYS A 186 10.93 9.80 0.09
C LYS A 186 9.92 8.73 -0.27
N LEU A 187 8.64 9.10 -0.22
CA LEU A 187 7.57 8.21 -0.65
C LEU A 187 7.50 8.16 -2.18
N GLN A 188 7.89 7.05 -2.79
CA GLN A 188 7.86 6.92 -4.22
C GLN A 188 6.73 6.05 -4.74
N GLY A 189 6.17 5.15 -3.93
CA GLY A 189 5.15 4.27 -4.47
C GLY A 189 4.10 3.96 -3.42
N ILE A 190 2.95 3.47 -3.91
CA ILE A 190 1.84 3.02 -3.10
C ILE A 190 1.59 1.58 -3.57
N VAL A 191 1.45 0.63 -2.65
CA VAL A 191 1.15 -0.76 -3.03
C VAL A 191 -0.21 -0.79 -3.74
N SER A 192 -0.26 -1.30 -4.98
CA SER A 192 -1.50 -1.27 -5.71
C SER A 192 -1.97 -2.67 -6.13
N TRP A 193 -1.28 -3.35 -7.05
CA TRP A 193 -1.76 -4.62 -7.57
C TRP A 193 -0.65 -5.49 -8.11
N GLY A 194 -1.02 -6.70 -8.52
CA GLY A 194 -0.12 -7.61 -9.19
C GLY A 194 -0.95 -8.83 -9.57
N SER A 195 -0.29 -9.78 -10.23
CA SER A 195 -0.95 -11.04 -10.58
C SER A 195 -0.55 -11.98 -9.45
N GLY A 196 -1.37 -12.05 -8.40
CA GLY A 196 -1.05 -12.83 -7.22
C GLY A 196 0.07 -12.12 -6.49
N CYS A 197 0.88 -12.92 -5.80
CA CYS A 197 2.00 -12.40 -5.02
C CYS A 197 3.20 -13.30 -5.20
N ALA A 198 4.35 -12.65 -5.39
CA ALA A 198 5.65 -13.29 -5.45
C ALA A 198 5.76 -14.39 -6.50
N GLN A 199 5.00 -14.24 -7.59
CA GLN A 199 5.06 -15.20 -8.69
C GLN A 199 6.20 -14.83 -9.61
N LYS A 200 6.80 -15.88 -10.17
CA LYS A 200 7.84 -15.74 -11.19
C LYS A 200 7.32 -14.88 -12.31
N ASN A 201 8.12 -13.90 -12.66
CA ASN A 201 7.83 -12.93 -13.71
C ASN A 201 6.61 -12.08 -13.49
N LYS A 202 6.08 -11.96 -12.27
CA LYS A 202 4.91 -11.13 -12.05
C LYS A 202 5.20 -10.28 -10.81
N PRO A 203 6.12 -9.30 -10.93
CA PRO A 203 6.48 -8.40 -9.84
C PRO A 203 5.30 -7.53 -9.42
N GLY A 204 5.33 -6.96 -8.21
CA GLY A 204 4.25 -6.09 -7.80
C GLY A 204 4.30 -4.79 -8.59
N VAL A 205 3.11 -4.20 -8.75
CA VAL A 205 2.92 -2.92 -9.43
C VAL A 205 2.46 -1.89 -8.40
N TYR A 206 3.01 -0.68 -8.55
CA TYR A 206 2.88 0.37 -7.56
C TYR A 206 2.47 1.67 -8.23
N THR A 207 1.66 2.48 -7.55
CA THR A 207 1.31 3.80 -8.09
C THR A 207 2.57 4.67 -8.00
N LYS A 208 2.88 5.38 -9.08
CA LYS A 208 4.06 6.23 -9.15
C LYS A 208 3.80 7.59 -8.54
N VAL A 209 4.09 7.71 -7.24
CA VAL A 209 3.76 8.92 -6.51
C VAL A 209 4.41 10.20 -7.05
N CYS A 210 5.59 10.18 -7.68
CA CYS A 210 6.20 11.42 -8.15
C CYS A 210 5.36 12.12 -9.22
N ASN A 211 4.44 11.42 -9.88
CA ASN A 211 3.58 12.06 -10.88
C ASN A 211 2.47 12.85 -10.21
N TYR A 212 2.27 12.70 -8.90
CA TYR A 212 1.13 13.31 -8.23
C TYR A 212 1.47 14.34 -7.18
N VAL A 213 2.75 14.66 -6.99
CA VAL A 213 3.15 15.52 -5.88
C VAL A 213 2.48 16.88 -5.94
N SER A 214 2.34 17.53 -7.10
CA SER A 214 1.70 18.85 -7.06
C SER A 214 0.21 18.71 -6.71
N TRP A 215 -0.47 17.65 -7.20
CA TRP A 215 -1.87 17.39 -6.88
C TRP A 215 -2.04 17.16 -5.38
N ILE A 216 -1.22 16.30 -4.78
CA ILE A 216 -1.25 16.07 -3.34
C ILE A 216 -1.10 17.39 -2.58
N LYS A 217 -0.06 18.17 -2.89
CA LYS A 217 0.19 19.40 -2.14
C LYS A 217 -0.93 20.42 -2.27
N GLN A 218 -1.48 20.57 -3.47
CA GLN A 218 -2.60 21.45 -3.76
C GLN A 218 -3.81 20.98 -2.91
N THR A 219 -4.16 19.70 -3.00
CA THR A 219 -5.27 19.14 -2.25
C THR A 219 -5.15 19.31 -0.73
N ILE A 220 -4.00 19.01 -0.13
CA ILE A 220 -3.77 19.15 1.30
C ILE A 220 -3.90 20.61 1.75
N ALA A 221 -3.42 21.56 0.94
CA ALA A 221 -3.44 22.95 1.38
C ALA A 221 -4.82 23.55 1.21
N SER A 222 -5.67 22.90 0.42
CA SER A 222 -7.01 23.40 0.12
C SER A 222 -8.21 22.68 0.75
N ASN A 223 -7.99 21.81 1.75
CA ASN A 223 -9.07 21.05 2.35
C ASN A 223 -8.77 20.84 3.82
N ARG B 1 -3.17 -11.60 -14.05
CA ARG B 1 -4.47 -11.15 -13.60
C ARG B 1 -4.25 -9.79 -12.96
N VAL B 2 -5.16 -8.83 -13.08
CA VAL B 2 -5.06 -7.58 -12.31
C VAL B 2 -5.79 -7.78 -10.97
N CYS B 3 -5.04 -8.01 -9.90
CA CYS B 3 -5.66 -8.23 -8.60
C CYS B 3 -5.05 -7.24 -7.59
N PRO B 4 -5.83 -6.21 -7.19
CA PRO B 4 -5.43 -5.33 -6.10
C PRO B 4 -5.15 -6.07 -4.80
N LYS B 5 -4.24 -5.49 -4.04
CA LYS B 5 -3.76 -6.12 -2.82
C LYS B 5 -4.48 -5.72 -1.55
N ILE B 6 -5.80 -5.54 -1.65
CA ILE B 6 -6.64 -5.23 -0.48
C ILE B 6 -7.02 -6.54 0.20
N LEU B 7 -7.16 -6.48 1.53
CA LEU B 7 -7.61 -7.65 2.26
C LEU B 7 -9.14 -7.59 2.25
N MET B 8 -9.76 -8.64 1.72
CA MET B 8 -11.21 -8.66 1.56
C MET B 8 -11.70 -10.07 1.74
N GLU B 9 -12.67 -10.29 2.62
CA GLU B 9 -13.30 -11.59 2.77
C GLU B 9 -14.20 -11.92 1.59
N CYS B 10 -14.39 -13.21 1.31
CA CYS B 10 -15.26 -13.59 0.21
C CYS B 10 -15.79 -15.00 0.48
N LYS B 11 -16.95 -15.27 -0.13
CA LYS B 11 -17.54 -16.60 -0.11
C LYS B 11 -17.48 -17.17 -1.53
N LYS B 12 -17.44 -16.33 -2.57
CA LYS B 12 -17.39 -16.79 -3.95
C LYS B 12 -16.48 -15.87 -4.74
N ASP B 13 -15.94 -16.33 -5.89
CA ASP B 13 -15.07 -15.49 -6.71
C ASP B 13 -15.67 -14.15 -7.08
N SER B 14 -16.98 -14.09 -7.33
CA SER B 14 -17.65 -12.84 -7.71
C SER B 14 -17.67 -11.75 -6.62
N ASP B 15 -17.33 -12.09 -5.38
CA ASP B 15 -17.22 -11.10 -4.30
C ASP B 15 -15.95 -10.27 -4.35
N CYS B 16 -14.95 -10.71 -5.11
CA CYS B 16 -13.66 -10.03 -5.15
C CYS B 16 -13.60 -8.93 -6.19
N LEU B 17 -12.63 -8.02 -6.06
CA LEU B 17 -12.45 -6.94 -7.01
C LEU B 17 -11.65 -7.38 -8.21
N ALA B 18 -11.97 -6.75 -9.35
CA ALA B 18 -11.24 -6.90 -10.60
C ALA B 18 -10.96 -8.36 -10.97
N GLU B 19 -9.72 -8.83 -11.11
CA GLU B 19 -9.50 -10.21 -11.43
C GLU B 19 -8.97 -11.04 -10.25
N CYS B 20 -9.27 -10.58 -9.03
CA CYS B 20 -8.93 -11.36 -7.85
C CYS B 20 -9.97 -12.48 -7.80
N ILE B 21 -9.61 -13.60 -7.20
CA ILE B 21 -10.54 -14.69 -7.01
C ILE B 21 -10.61 -15.01 -5.52
N CYS B 22 -11.57 -15.82 -5.13
CA CYS B 22 -11.78 -16.13 -3.73
C CYS B 22 -11.08 -17.41 -3.38
N LEU B 23 -10.10 -17.31 -2.50
CA LEU B 23 -9.33 -18.46 -2.10
C LEU B 23 -10.07 -19.28 -1.07
N GLU B 24 -9.53 -20.48 -0.90
CA GLU B 24 -10.02 -21.49 0.00
C GLU B 24 -10.25 -20.97 1.40
N HIS B 25 -9.36 -20.19 2.02
CA HIS B 25 -9.65 -19.71 3.38
C HIS B 25 -10.52 -18.45 3.51
N GLY B 26 -11.25 -18.06 2.47
CA GLY B 26 -12.24 -16.99 2.57
C GLY B 26 -11.74 -15.59 2.35
N TYR B 27 -10.60 -15.43 1.67
CA TYR B 27 -10.10 -14.10 1.37
C TYR B 27 -9.79 -14.04 -0.11
N CYS B 28 -9.94 -12.85 -0.68
CA CYS B 28 -9.56 -12.65 -2.09
C CYS B 28 -8.05 -12.69 -2.28
N GLY B 29 -7.59 -13.12 -3.44
CA GLY B 29 -6.18 -13.16 -3.75
C GLY B 29 -6.00 -13.45 -5.21
CA CA C . -1.26 -2.57 18.74
#